data_1X3S
#
_entry.id   1X3S
#
_cell.length_a   37.889
_cell.length_b   65.182
_cell.length_c   40.710
_cell.angle_alpha   90.00
_cell.angle_beta   91.42
_cell.angle_gamma   90.00
#
_symmetry.space_group_name_H-M   'P 1 21 1'
#
loop_
_entity.id
_entity.type
_entity.pdbx_description
1 polymer 'Ras-related protein Rab-18'
2 non-polymer 'MAGNESIUM ION'
3 non-polymer 'PHOSPHOAMINOPHOSPHONIC ACID-GUANYLATE ESTER'
4 water water
#
_entity_poly.entity_id   1
_entity_poly.type   'polypeptide(L)'
_entity_poly.pdbx_seq_one_letter_code
;GSSGSSG(MSE)DEDVLTTLKILIIGESGVGKSSLLLRFTDDTFDPELAATIGVDFKVKTISVDGNKAKLAIWDTAGQER
FRTLTPSYYRGAQGVILVYDVTRRDTFVKLDNWLNELETYCTRNDIVN(MSE)LVGNKIDKENREVDRNEGLKFARKHS
(MSE)LFIEASAKTCDGVQCAFEELVEKIIQTPGLWESENQNSGPSSG
;
_entity_poly.pdbx_strand_id   A
#
# COMPACT_ATOMS: atom_id res chain seq x y z
N ASP A 9 -8.14 -13.50 -19.65
CA ASP A 9 -8.44 -13.38 -18.19
C ASP A 9 -9.41 -14.46 -17.77
N GLU A 10 -9.48 -15.55 -18.54
CA GLU A 10 -10.44 -16.61 -18.23
C GLU A 10 -10.22 -17.31 -16.90
N ASP A 11 -9.01 -17.19 -16.34
CA ASP A 11 -8.70 -17.83 -15.07
C ASP A 11 -8.61 -16.83 -13.94
N VAL A 12 -8.98 -15.60 -14.17
CA VAL A 12 -8.93 -14.56 -13.13
C VAL A 12 -10.20 -14.58 -12.30
N LEU A 13 -10.07 -14.71 -11.00
CA LEU A 13 -11.21 -14.73 -10.13
C LEU A 13 -11.93 -13.39 -10.02
N THR A 14 -11.13 -12.32 -9.84
CA THR A 14 -11.67 -10.98 -9.63
C THR A 14 -10.60 -9.94 -9.83
N THR A 15 -11.04 -8.69 -9.99
CA THR A 15 -10.10 -7.56 -10.10
C THR A 15 -10.26 -6.79 -8.81
N LEU A 16 -9.13 -6.48 -8.16
CA LEU A 16 -9.14 -5.77 -6.89
C LEU A 16 -8.48 -4.40 -7.02
N LYS A 17 -9.13 -3.41 -6.46
CA LYS A 17 -8.57 -2.06 -6.45
C LYS A 17 -7.75 -1.91 -5.18
N ILE A 18 -6.45 -1.65 -5.37
CA ILE A 18 -5.50 -1.48 -4.26
C ILE A 18 -4.95 -0.06 -4.30
N LEU A 19 -5.03 0.64 -3.20
CA LEU A 19 -4.57 2.01 -3.14
C LEU A 19 -3.30 2.07 -2.34
N ILE A 20 -2.29 2.83 -2.76
CA ILE A 20 -1.07 3.02 -1.98
C ILE A 20 -1.00 4.48 -1.56
N ILE A 21 -0.96 4.75 -0.26
CA ILE A 21 -0.95 6.11 0.31
C ILE A 21 0.14 6.25 1.36
N GLY A 22 0.48 7.50 1.66
CA GLY A 22 1.52 7.82 2.64
C GLY A 22 2.28 9.05 2.19
N GLU A 23 3.10 9.57 3.07
CA GLU A 23 3.81 10.81 2.78
C GLU A 23 4.78 10.70 1.63
N SER A 24 5.07 11.86 1.02
CA SER A 24 6.00 11.88 -0.06
C SER A 24 7.35 11.34 0.39
N GLY A 25 8.00 10.58 -0.49
CA GLY A 25 9.36 10.10 -0.28
C GLY A 25 9.47 8.83 0.55
N VAL A 26 8.35 8.25 0.98
CA VAL A 26 8.45 7.05 1.83
C VAL A 26 8.78 5.78 1.03
N GLY A 27 8.57 5.83 -0.29
CA GLY A 27 8.87 4.68 -1.15
C GLY A 27 7.64 4.00 -1.73
N LYS A 28 6.51 4.67 -1.80
CA LYS A 28 5.31 4.04 -2.39
C LYS A 28 5.56 3.52 -3.81
N SER A 29 6.06 4.42 -4.67
CA SER A 29 6.30 4.08 -6.05
C SER A 29 7.40 3.07 -6.21
N SER A 30 8.37 3.09 -5.31
CA SER A 30 9.46 2.11 -5.37
C SER A 30 8.95 0.75 -4.95
N LEU A 31 8.11 0.67 -3.92
CA LEU A 31 7.55 -0.63 -3.57
C LEU A 31 6.75 -1.17 -4.77
N LEU A 32 5.97 -0.31 -5.43
CA LEU A 32 5.22 -0.76 -6.56
C LEU A 32 6.12 -1.21 -7.73
N LEU A 33 7.18 -0.46 -8.03
CA LEU A 33 8.07 -0.80 -9.14
C LEU A 33 8.78 -2.11 -8.83
N ARG A 34 9.18 -2.33 -7.57
CA ARG A 34 9.79 -3.58 -7.22
C ARG A 34 8.80 -4.71 -7.49
N PHE A 35 7.53 -4.53 -7.12
CA PHE A 35 6.54 -5.56 -7.33
C PHE A 35 6.20 -5.76 -8.83
N THR A 36 6.09 -4.71 -9.62
CA THR A 36 5.69 -4.89 -11.01
C THR A 36 6.81 -5.18 -11.96
N ASP A 37 7.98 -4.62 -11.71
CA ASP A 37 9.12 -4.73 -12.66
C ASP A 37 10.34 -5.38 -12.06
N ASP A 38 10.32 -5.75 -10.79
CA ASP A 38 11.50 -6.38 -10.19
C ASP A 38 12.74 -5.53 -10.32
N THR A 39 12.63 -4.23 -10.12
CA THR A 39 13.80 -3.39 -10.17
C THR A 39 13.65 -2.22 -9.16
N PHE A 40 14.71 -1.43 -9.02
CA PHE A 40 14.78 -0.30 -8.13
C PHE A 40 15.45 0.86 -8.85
N ASP A 41 14.95 2.08 -8.64
CA ASP A 41 15.48 3.28 -9.29
C ASP A 41 15.81 4.24 -8.15
N PRO A 42 17.11 4.44 -7.88
CA PRO A 42 17.54 5.33 -6.81
C PRO A 42 17.13 6.78 -7.03
N GLU A 43 16.82 7.11 -8.27
CA GLU A 43 16.44 8.44 -8.65
C GLU A 43 14.99 8.53 -9.13
N LEU A 44 14.16 7.59 -8.68
CA LEU A 44 12.74 7.60 -9.10
C LEU A 44 12.09 8.97 -8.86
N ALA A 45 11.40 9.49 -9.88
CA ALA A 45 10.72 10.77 -9.76
C ALA A 45 9.49 10.77 -8.86
N ALA A 46 9.26 11.85 -8.14
CA ALA A 46 8.08 12.02 -7.32
C ALA A 46 6.88 11.86 -8.22
N THR A 47 5.83 11.25 -7.69
CA THR A 47 4.60 11.02 -8.40
C THR A 47 3.78 12.29 -8.44
N ILE A 48 3.25 12.58 -9.64
CA ILE A 48 2.34 13.72 -9.83
C ILE A 48 0.97 13.07 -10.14
N GLY A 49 -0.01 13.33 -9.28
CA GLY A 49 -1.35 12.78 -9.48
C GLY A 49 -1.40 11.32 -9.08
N VAL A 50 -1.92 10.48 -9.95
CA VAL A 50 -1.95 9.08 -9.60
C VAL A 50 -1.36 8.25 -10.69
N ASP A 51 -0.55 7.26 -10.32
CA ASP A 51 0.05 6.34 -11.27
C ASP A 51 -0.62 4.99 -11.14
N PHE A 52 -1.30 4.54 -12.16
CA PHE A 52 -2.07 3.32 -12.12
C PHE A 52 -1.34 2.23 -12.81
N LYS A 53 -1.25 1.08 -12.16
CA LYS A 53 -0.53 -0.10 -12.70
C LYS A 53 -1.41 -1.33 -12.45
N VAL A 54 -1.33 -2.29 -13.38
CA VAL A 54 -2.07 -3.55 -13.28
C VAL A 54 -1.13 -4.72 -13.21
N LYS A 55 -1.36 -5.63 -12.27
CA LYS A 55 -0.55 -6.83 -12.18
C LYS A 55 -1.45 -7.95 -11.66
N THR A 56 -1.31 -9.14 -12.23
CA THR A 56 -2.11 -10.27 -11.76
C THR A 56 -1.25 -11.25 -10.99
N ILE A 57 -1.70 -11.62 -9.80
CA ILE A 57 -0.94 -12.59 -9.00
C ILE A 57 -1.82 -13.72 -8.54
N SER A 58 -1.19 -14.78 -8.04
CA SER A 58 -1.90 -15.93 -7.54
C SER A 58 -1.63 -16.11 -6.06
N VAL A 59 -2.69 -16.23 -5.24
CA VAL A 59 -2.52 -16.48 -3.82
C VAL A 59 -3.63 -17.49 -3.45
N ASP A 60 -3.24 -18.45 -2.61
CA ASP A 60 -4.14 -19.53 -2.15
C ASP A 60 -4.86 -20.21 -3.33
N GLY A 61 -4.16 -20.32 -4.46
CA GLY A 61 -4.73 -20.98 -5.64
C GLY A 61 -5.65 -20.20 -6.55
N ASN A 62 -5.86 -18.93 -6.24
CA ASN A 62 -6.70 -18.05 -7.04
C ASN A 62 -5.92 -16.93 -7.67
N LYS A 63 -6.24 -16.57 -8.88
CA LYS A 63 -5.58 -15.44 -9.56
C LYS A 63 -6.46 -14.20 -9.37
N ALA A 64 -5.84 -13.11 -8.93
CA ALA A 64 -6.51 -11.82 -8.74
C ALA A 64 -5.78 -10.79 -9.59
N LYS A 65 -6.54 -10.03 -10.37
CA LYS A 65 -5.94 -8.96 -11.14
C LYS A 65 -5.97 -7.74 -10.24
N LEU A 66 -4.81 -7.11 -10.02
CA LEU A 66 -4.74 -5.92 -9.15
C LEU A 66 -4.69 -4.64 -9.95
N ALA A 67 -5.63 -3.73 -9.63
CA ALA A 67 -5.67 -2.41 -10.26
C ALA A 67 -5.13 -1.52 -9.15
N ILE A 68 -3.87 -1.13 -9.29
CA ILE A 68 -3.14 -0.46 -8.22
C ILE A 68 -3.00 1.04 -8.49
N TRP A 69 -3.50 1.79 -7.53
CA TRP A 69 -3.50 3.26 -7.59
C TRP A 69 -2.41 3.81 -6.68
N ASP A 70 -1.30 4.26 -7.24
CA ASP A 70 -0.18 4.78 -6.50
C ASP A 70 -0.34 6.30 -6.49
N THR A 71 -0.61 6.89 -5.34
CA THR A 71 -0.86 8.30 -5.29
C THR A 71 0.29 9.16 -4.90
N ALA A 72 0.22 10.44 -5.25
CA ALA A 72 1.25 11.37 -4.87
C ALA A 72 1.14 11.62 -3.35
N GLY A 73 2.29 11.65 -2.65
CA GLY A 73 2.30 11.96 -1.22
C GLY A 73 2.19 13.46 -0.95
N GLN A 74 2.53 14.28 -1.94
CA GLN A 74 2.44 15.76 -1.79
C GLN A 74 0.99 16.17 -2.08
N GLU A 75 0.31 16.72 -1.07
CA GLU A 75 -1.09 17.12 -1.21
C GLU A 75 -1.36 18.01 -2.42
N ARG A 76 -0.39 18.85 -2.79
CA ARG A 76 -0.53 19.78 -3.92
C ARG A 76 -0.61 19.06 -5.26
N PHE A 77 -0.26 17.78 -5.27
CA PHE A 77 -0.28 17.00 -6.52
C PHE A 77 -1.40 16.01 -6.57
N ARG A 78 -2.32 16.11 -5.62
CA ARG A 78 -3.46 15.21 -5.60
C ARG A 78 -4.68 15.96 -6.13
N THR A 79 -5.48 15.28 -6.94
CA THR A 79 -6.70 15.85 -7.49
C THR A 79 -7.71 14.71 -7.61
N LEU A 80 -8.99 15.03 -7.52
CA LEU A 80 -10.06 14.03 -7.56
C LEU A 80 -9.77 12.97 -6.48
N THR A 81 -9.43 13.42 -5.28
CA THR A 81 -9.12 12.52 -4.16
C THR A 81 -10.26 11.54 -3.88
N PRO A 82 -11.52 11.99 -3.92
CA PRO A 82 -12.56 11.00 -3.65
C PRO A 82 -12.48 9.79 -4.62
N SER A 83 -12.03 10.05 -5.85
CA SER A 83 -11.93 9.00 -6.88
C SER A 83 -10.88 8.00 -6.51
N TYR A 84 -9.83 8.44 -5.81
CA TYR A 84 -8.76 7.53 -5.42
C TYR A 84 -9.32 6.47 -4.52
N TYR A 85 -10.11 6.92 -3.54
CA TYR A 85 -10.64 6.01 -2.54
C TYR A 85 -11.84 5.21 -2.91
N ARG A 86 -12.67 5.76 -3.82
CA ARG A 86 -13.90 5.08 -4.20
C ARG A 86 -13.67 3.67 -4.71
N GLY A 87 -14.35 2.67 -4.15
CA GLY A 87 -14.14 1.32 -4.64
C GLY A 87 -12.87 0.61 -4.16
N ALA A 88 -12.01 1.27 -3.41
CA ALA A 88 -10.80 0.58 -2.94
C ALA A 88 -11.17 -0.61 -2.06
N GLN A 89 -10.45 -1.70 -2.27
CA GLN A 89 -10.69 -2.94 -1.53
C GLN A 89 -9.53 -3.22 -0.58
N GLY A 90 -8.33 -2.80 -0.96
CA GLY A 90 -7.13 -2.92 -0.12
C GLY A 90 -6.42 -1.60 -0.14
N VAL A 91 -5.81 -1.25 0.97
CA VAL A 91 -5.02 -0.02 1.08
C VAL A 91 -3.71 -0.34 1.70
N ILE A 92 -2.62 0.09 1.08
CA ILE A 92 -1.29 -0.05 1.64
C ILE A 92 -0.88 1.34 2.12
N LEU A 93 -0.72 1.50 3.42
CA LEU A 93 -0.28 2.74 4.01
C LEU A 93 1.21 2.60 4.30
N VAL A 94 2.01 3.50 3.76
CA VAL A 94 3.47 3.35 3.86
C VAL A 94 4.09 4.49 4.63
N TYR A 95 5.05 4.16 5.50
CA TYR A 95 5.90 5.18 6.14
C TYR A 95 7.36 4.75 5.96
N ASP A 96 8.28 5.67 6.19
CA ASP A 96 9.73 5.45 6.06
C ASP A 96 10.22 5.26 7.50
N VAL A 97 10.81 4.11 7.79
CA VAL A 97 11.27 3.85 9.13
C VAL A 97 12.38 4.80 9.58
N THR A 98 13.00 5.52 8.65
CA THR A 98 14.03 6.50 9.00
C THR A 98 13.47 7.86 9.26
N ARG A 99 12.16 8.07 9.13
CA ARG A 99 11.53 9.38 9.34
C ARG A 99 10.28 9.27 10.14
N ARG A 100 10.45 9.53 11.44
CA ARG A 100 9.36 9.50 12.40
C ARG A 100 8.19 10.37 11.96
N ASP A 101 8.48 11.53 11.37
CA ASP A 101 7.38 12.37 10.92
C ASP A 101 6.43 11.66 9.94
N THR A 102 6.98 10.80 9.08
CA THR A 102 6.10 10.10 8.12
C THR A 102 5.28 9.04 8.78
N PHE A 103 5.74 8.52 9.93
CA PHE A 103 5.00 7.53 10.68
C PHE A 103 3.88 8.23 11.45
N VAL A 104 4.13 9.38 12.07
CA VAL A 104 3.10 10.09 12.80
C VAL A 104 2.04 10.62 11.87
N LYS A 105 2.44 11.02 10.67
CA LYS A 105 1.46 11.51 9.71
C LYS A 105 0.51 10.43 9.23
N LEU A 106 0.76 9.16 9.55
CA LEU A 106 -0.17 8.15 9.09
C LEU A 106 -1.52 8.35 9.77
N ASP A 107 -1.54 9.13 10.84
CA ASP A 107 -2.81 9.36 11.48
C ASP A 107 -3.68 10.24 10.59
N ASN A 108 -3.07 11.18 9.88
CA ASN A 108 -3.82 12.03 8.96
C ASN A 108 -4.33 11.19 7.81
N TRP A 109 -3.52 10.27 7.31
CA TRP A 109 -3.93 9.44 6.19
C TRP A 109 -5.07 8.53 6.59
N LEU A 110 -5.01 8.02 7.81
CA LEU A 110 -6.04 7.13 8.28
C LEU A 110 -7.36 7.91 8.44
N ASN A 111 -7.27 9.15 8.91
CA ASN A 111 -8.47 9.99 9.08
C ASN A 111 -9.11 10.17 7.71
N GLU A 112 -8.29 10.40 6.68
CA GLU A 112 -8.82 10.59 5.35
C GLU A 112 -9.49 9.33 4.86
N LEU A 113 -8.81 8.19 5.02
CA LEU A 113 -9.34 6.93 4.60
C LEU A 113 -10.67 6.63 5.30
N GLU A 114 -10.77 7.03 6.56
CA GLU A 114 -11.96 6.74 7.33
C GLU A 114 -13.16 7.58 6.93
N THR A 115 -12.96 8.56 6.05
CA THR A 115 -14.08 9.33 5.55
C THR A 115 -14.64 8.62 4.33
N TYR A 116 -13.95 7.58 3.87
CA TYR A 116 -14.41 6.76 2.75
C TYR A 116 -14.76 5.42 3.39
N CYS A 117 -15.81 5.51 4.21
CA CYS A 117 -16.31 4.44 5.05
C CYS A 117 -17.62 3.74 4.64
N THR A 118 -17.89 3.67 3.34
CA THR A 118 -19.09 3.01 2.85
C THR A 118 -19.12 1.57 3.38
N ARG A 119 -17.97 0.89 3.31
CA ARG A 119 -17.84 -0.45 3.86
C ARG A 119 -16.89 -0.29 5.04
N ASN A 120 -16.93 -1.24 5.97
CA ASN A 120 -16.05 -1.15 7.12
C ASN A 120 -15.10 -2.34 7.05
N ASP A 121 -15.04 -3.00 5.90
CA ASP A 121 -14.19 -4.17 5.78
C ASP A 121 -13.02 -4.08 4.79
N ILE A 122 -12.73 -2.89 4.35
CA ILE A 122 -11.57 -2.66 3.47
C ILE A 122 -10.40 -3.17 4.25
N VAL A 123 -9.51 -3.82 3.53
CA VAL A 123 -8.34 -4.40 4.19
C VAL A 123 -7.16 -3.45 4.14
N ASN A 124 -6.62 -3.10 5.30
CA ASN A 124 -5.51 -2.19 5.40
C ASN A 124 -4.22 -2.94 5.71
N LEU A 126 -0.14 -1.97 6.67
CA LEU A 126 0.83 -0.94 7.04
C LEU A 126 2.19 -1.46 6.64
N VAL A 127 2.99 -0.63 5.96
CA VAL A 127 4.34 -1.05 5.57
C VAL A 127 5.29 0.02 6.06
N GLY A 128 6.25 -0.43 6.85
CA GLY A 128 7.38 0.42 7.26
C GLY A 128 8.52 0.13 6.24
N ASN A 129 8.83 1.08 5.35
CA ASN A 129 9.79 0.91 4.28
C ASN A 129 11.18 1.50 4.61
N LYS A 130 12.14 1.11 3.79
CA LYS A 130 13.52 1.59 3.88
C LYS A 130 14.28 0.97 5.03
N ILE A 131 13.96 -0.27 5.37
CA ILE A 131 14.66 -0.89 6.49
C ILE A 131 16.13 -1.16 6.17
N ASP A 132 16.55 -1.03 4.93
CA ASP A 132 17.98 -1.18 4.56
C ASP A 132 18.82 0.02 4.96
N LYS A 133 18.21 1.15 5.21
CA LYS A 133 18.92 2.40 5.46
C LYS A 133 19.42 2.61 6.86
N GLU A 134 20.47 3.41 6.98
CA GLU A 134 20.99 3.75 8.28
C GLU A 134 20.04 4.79 8.90
N ASN A 135 20.19 4.99 10.20
CA ASN A 135 19.46 5.99 10.95
C ASN A 135 17.95 5.81 11.05
N ARG A 136 17.60 4.60 11.36
CA ARG A 136 16.22 4.29 11.64
C ARG A 136 15.71 5.19 12.79
N GLU A 137 14.48 5.65 12.66
CA GLU A 137 13.85 6.43 13.70
C GLU A 137 12.68 5.70 14.34
N VAL A 138 12.02 4.78 13.65
CA VAL A 138 10.87 4.07 14.19
C VAL A 138 11.17 2.62 14.32
N ASP A 139 11.07 2.06 15.53
CA ASP A 139 11.34 0.63 15.56
C ASP A 139 10.17 -0.23 15.12
N ARG A 140 10.47 -1.46 14.82
CA ARG A 140 9.47 -2.38 14.34
C ARG A 140 8.28 -2.53 15.27
N ASN A 141 8.55 -2.58 16.58
CA ASN A 141 7.45 -2.75 17.52
C ASN A 141 6.50 -1.59 17.53
N GLU A 142 7.01 -0.37 17.29
CA GLU A 142 6.15 0.74 17.28
C GLU A 142 5.19 0.69 16.06
N GLY A 143 5.71 0.27 14.91
CA GLY A 143 4.88 0.11 13.73
C GLY A 143 3.85 -0.99 13.98
N LEU A 144 4.30 -2.12 14.55
CA LEU A 144 3.37 -3.21 14.84
C LEU A 144 2.24 -2.77 15.79
N LYS A 145 2.61 -1.99 16.83
CA LYS A 145 1.57 -1.56 17.74
C LYS A 145 0.52 -0.73 17.05
N PHE A 146 0.94 0.17 16.13
CA PHE A 146 -0.03 1.00 15.43
C PHE A 146 -0.89 0.15 14.55
N ALA A 147 -0.28 -0.78 13.83
CA ALA A 147 -1.06 -1.65 12.97
C ALA A 147 -2.10 -2.42 13.74
N ARG A 148 -1.68 -3.02 14.87
CA ARG A 148 -2.61 -3.86 15.61
C ARG A 148 -3.70 -3.01 16.26
N LYS A 149 -3.37 -1.84 16.77
CA LYS A 149 -4.39 -0.98 17.37
C LYS A 149 -5.49 -0.68 16.33
N HIS A 150 -5.10 -0.60 15.05
CA HIS A 150 -6.02 -0.30 13.96
C HIS A 150 -6.45 -1.49 13.16
N SER A 151 -6.22 -2.70 13.67
CA SER A 151 -6.64 -3.92 13.00
C SER A 151 -6.13 -4.04 11.59
N LEU A 153 -2.88 -5.26 8.82
CA LEU A 153 -1.75 -6.14 8.61
C LEU A 153 -0.51 -5.24 8.72
N PHE A 154 0.65 -5.86 8.90
CA PHE A 154 1.88 -5.12 9.04
C PHE A 154 3.09 -5.87 8.47
N ILE A 155 3.90 -5.16 7.74
CA ILE A 155 5.14 -5.68 7.22
C ILE A 155 6.18 -4.58 7.22
N GLU A 156 7.44 -4.94 7.48
CA GLU A 156 8.56 -4.03 7.27
C GLU A 156 9.18 -4.46 5.93
N ALA A 157 9.60 -3.49 5.14
CA ALA A 157 10.11 -3.79 3.81
C ALA A 157 11.26 -2.89 3.41
N SER A 158 11.92 -3.32 2.34
CA SER A 158 12.87 -2.49 1.64
C SER A 158 12.63 -2.67 0.14
N ALA A 159 12.19 -1.61 -0.53
CA ALA A 159 12.05 -1.72 -1.99
C ALA A 159 13.46 -1.93 -2.60
N LYS A 160 14.49 -1.40 -1.93
CA LYS A 160 15.84 -1.45 -2.48
C LYS A 160 16.43 -2.86 -2.43
N THR A 161 16.24 -3.56 -1.33
CA THR A 161 16.78 -4.92 -1.17
C THR A 161 15.77 -6.02 -1.17
N CYS A 162 14.55 -5.68 -1.57
CA CYS A 162 13.41 -6.59 -1.78
C CYS A 162 12.67 -7.10 -0.57
N ASP A 163 13.29 -7.03 0.60
CA ASP A 163 12.69 -7.54 1.83
C ASP A 163 11.23 -7.16 1.96
N GLY A 164 10.37 -8.15 2.20
CA GLY A 164 8.98 -7.87 2.49
C GLY A 164 8.06 -7.41 1.40
N VAL A 165 8.56 -7.03 0.23
CA VAL A 165 7.70 -6.46 -0.79
C VAL A 165 6.65 -7.42 -1.32
N GLN A 166 7.07 -8.60 -1.75
CA GLN A 166 6.11 -9.53 -2.29
C GLN A 166 5.10 -9.90 -1.24
N CYS A 167 5.53 -10.08 0.01
CA CYS A 167 4.57 -10.43 1.07
C CYS A 167 3.58 -9.31 1.37
N ALA A 168 4.00 -8.06 1.25
CA ALA A 168 3.11 -6.94 1.51
C ALA A 168 1.92 -7.05 0.55
N PHE A 169 2.19 -7.31 -0.71
CA PHE A 169 1.08 -7.42 -1.65
C PHE A 169 0.35 -8.75 -1.52
N GLU A 170 1.05 -9.86 -1.36
CA GLU A 170 0.37 -11.15 -1.25
C GLU A 170 -0.48 -11.28 -0.02
N GLU A 171 0.00 -10.86 1.15
CA GLU A 171 -0.77 -10.98 2.38
C GLU A 171 -2.02 -10.13 2.32
N LEU A 172 -1.91 -8.96 1.67
CA LEU A 172 -3.08 -8.08 1.53
C LEU A 172 -4.15 -8.79 0.66
N VAL A 173 -3.73 -9.29 -0.49
CA VAL A 173 -4.66 -9.95 -1.39
C VAL A 173 -5.25 -11.21 -0.77
N GLU A 174 -4.45 -11.97 -0.03
CA GLU A 174 -4.98 -13.18 0.62
C GLU A 174 -6.14 -12.80 1.51
N LYS A 175 -5.96 -11.76 2.33
CA LYS A 175 -6.99 -11.35 3.25
C LYS A 175 -8.20 -10.78 2.53
N ILE A 176 -7.99 -10.01 1.46
CA ILE A 176 -9.16 -9.49 0.74
C ILE A 176 -9.99 -10.67 0.17
N ILE A 177 -9.36 -11.69 -0.39
CA ILE A 177 -10.16 -12.77 -0.95
C ILE A 177 -10.93 -13.48 0.18
N GLN A 178 -10.37 -13.53 1.39
CA GLN A 178 -11.06 -14.15 2.53
C GLN A 178 -12.12 -13.28 3.20
N THR A 179 -12.41 -12.13 2.59
CA THR A 179 -13.45 -11.20 3.08
C THR A 179 -14.42 -11.12 1.85
N PRO A 180 -15.16 -12.19 1.55
CA PRO A 180 -16.09 -12.32 0.41
C PRO A 180 -16.97 -11.12 -0.06
N GLY A 181 -17.70 -10.53 0.89
CA GLY A 181 -18.52 -9.40 0.48
C GLY A 181 -17.69 -8.25 -0.10
N LEU A 182 -16.37 -8.27 0.13
CA LEU A 182 -15.53 -7.21 -0.36
C LEU A 182 -15.28 -7.23 -1.86
N TRP A 183 -15.34 -8.41 -2.49
CA TRP A 183 -15.03 -8.52 -3.91
C TRP A 183 -16.05 -9.19 -4.83
N GLU A 184 -17.03 -9.83 -4.20
CA GLU A 184 -18.09 -10.51 -4.91
C GLU A 184 -18.79 -9.61 -5.88
N SER A 185 -18.95 -10.09 -7.10
CA SER A 185 -19.63 -9.32 -8.13
C SER A 185 -21.06 -9.84 -8.26
#